data_1VC4
#
_entry.id   1VC4
#
_cell.length_a   63.652
_cell.length_b   78.193
_cell.length_c   91.523
_cell.angle_alpha   90.00
_cell.angle_beta   90.00
_cell.angle_gamma   90.00
#
_symmetry.space_group_name_H-M   'P 21 21 21'
#
loop_
_entity.id
_entity.type
_entity.pdbx_description
1 polymer 'Indole-3-Glycerol Phosphate Synthase'
2 non-polymer 'SULFATE ION'
3 non-polymer 'ACETIC ACID'
4 non-polymer GLYCEROL
5 water water
#
_entity_poly.entity_id   1
_entity_poly.type   'polypeptide(L)'
_entity_poly.pdbx_seq_one_letter_code
;MRPDLSRVPGVLGEIARKRASEVAPYPLPEPPSVPSFKEALLRPGLSVIAEVKRQSPSEGLIREVDPVEAALAYARGGAR
AVSVLTEPHRFGGSLLDLKRVREAVDLPLLRKDFVVDPFMLEEARAFGASAALLIVALLGELTGAYLEEARRLGLEALVE
VHTERELEIALEAGAEVLGINNRDLATLHINLETAPRLGRLARKRGFGGVLVAESGYSRKEELKALEGLFDAVLIGTSLM
RAPDLEAALRELVG
;
_entity_poly.pdbx_strand_id   A,B
#
# COMPACT_ATOMS: atom_id res chain seq x y z
N MET A 1 -39.09 -15.82 10.32
CA MET A 1 -38.40 -16.82 11.18
C MET A 1 -37.05 -16.30 11.65
N ARG A 2 -36.75 -16.51 12.92
CA ARG A 2 -35.48 -16.04 13.47
C ARG A 2 -34.40 -17.10 13.42
N PRO A 3 -33.18 -16.71 13.02
CA PRO A 3 -32.08 -17.68 12.93
C PRO A 3 -31.64 -18.13 14.31
N ASP A 4 -31.09 -19.34 14.39
CA ASP A 4 -30.60 -19.88 15.64
C ASP A 4 -29.23 -19.24 15.88
N LEU A 5 -29.13 -18.37 16.88
CA LEU A 5 -27.89 -17.67 17.17
C LEU A 5 -27.09 -18.29 18.32
N SER A 6 -27.52 -19.46 18.76
CA SER A 6 -26.87 -20.15 19.87
C SER A 6 -25.40 -20.49 19.63
N ARG A 7 -25.05 -20.80 18.39
CA ARG A 7 -23.67 -21.19 18.09
C ARG A 7 -22.81 -20.14 17.41
N VAL A 8 -23.33 -18.92 17.25
CA VAL A 8 -22.54 -17.88 16.63
C VAL A 8 -21.45 -17.51 17.63
N PRO A 9 -20.17 -17.64 17.24
CA PRO A 9 -19.06 -17.33 18.14
C PRO A 9 -18.60 -15.89 18.31
N GLY A 10 -17.75 -15.71 19.30
CA GLY A 10 -17.15 -14.41 19.60
C GLY A 10 -18.03 -13.17 19.66
N VAL A 11 -17.41 -12.06 19.26
CA VAL A 11 -18.05 -10.75 19.28
C VAL A 11 -19.35 -10.76 18.48
N LEU A 12 -19.28 -11.30 17.26
CA LEU A 12 -20.46 -11.37 16.40
C LEU A 12 -21.63 -11.98 17.17
N GLY A 13 -21.40 -13.15 17.76
CA GLY A 13 -22.44 -13.83 18.51
C GLY A 13 -23.05 -12.98 19.61
N GLU A 14 -22.20 -12.33 20.40
CA GLU A 14 -22.65 -11.48 21.49
C GLU A 14 -23.51 -10.31 21.00
N ILE A 15 -23.04 -9.62 19.97
CA ILE A 15 -23.77 -8.49 19.41
C ILE A 15 -25.13 -8.94 18.87
N ALA A 16 -25.13 -10.04 18.13
CA ALA A 16 -26.35 -10.57 17.52
C ALA A 16 -27.41 -10.97 18.55
N ARG A 17 -27.02 -11.68 19.61
CA ARG A 17 -27.98 -12.10 20.62
C ARG A 17 -28.62 -10.92 21.33
N LYS A 18 -27.84 -9.86 21.55
CA LYS A 18 -28.37 -8.67 22.22
C LYS A 18 -29.40 -7.99 21.32
N ARG A 19 -29.09 -7.90 20.04
CA ARG A 19 -30.02 -7.28 19.08
C ARG A 19 -31.32 -8.08 19.05
N ALA A 20 -31.19 -9.41 19.05
CA ALA A 20 -32.37 -10.27 19.01
C ALA A 20 -33.28 -10.04 20.22
N SER A 21 -32.69 -9.68 21.36
CA SER A 21 -33.45 -9.47 22.58
C SER A 21 -34.20 -8.13 22.61
N GLU A 22 -33.75 -7.19 21.80
CA GLU A 22 -34.39 -5.87 21.76
C GLU A 22 -35.25 -5.62 20.52
N VAL A 23 -35.46 -6.66 19.72
CA VAL A 23 -36.30 -6.54 18.53
C VAL A 23 -37.74 -6.56 18.98
N ALA A 24 -38.48 -5.52 18.61
CA ALA A 24 -39.89 -5.42 18.99
C ALA A 24 -40.63 -4.67 17.90
N PRO A 25 -41.40 -5.38 17.06
CA PRO A 25 -42.14 -4.72 16.00
C PRO A 25 -42.98 -3.55 16.50
N TYR A 26 -42.96 -2.45 15.75
CA TYR A 26 -43.74 -1.27 16.08
C TYR A 26 -44.22 -0.70 14.74
N PRO A 27 -45.24 0.17 14.76
CA PRO A 27 -45.80 0.77 13.54
C PRO A 27 -44.78 1.47 12.65
N LEU A 28 -44.78 1.12 11.36
CA LEU A 28 -43.86 1.72 10.41
C LEU A 28 -44.58 2.49 9.32
N PRO A 29 -43.95 3.56 8.81
CA PRO A 29 -44.55 4.38 7.76
C PRO A 29 -44.45 3.64 6.42
N GLU A 30 -45.18 4.12 5.41
CA GLU A 30 -45.11 3.50 4.10
C GLU A 30 -43.72 3.81 3.52
N PRO A 31 -43.14 2.87 2.79
CA PRO A 31 -41.80 3.03 2.20
C PRO A 31 -41.67 4.20 1.21
N PRO A 32 -40.64 5.05 1.39
CA PRO A 32 -40.43 6.18 0.49
C PRO A 32 -39.65 5.73 -0.74
N SER A 33 -39.55 6.60 -1.75
CA SER A 33 -38.80 6.26 -2.94
C SER A 33 -37.32 6.37 -2.61
N VAL A 34 -36.53 5.40 -3.06
CA VAL A 34 -35.10 5.41 -2.81
C VAL A 34 -34.35 4.98 -4.06
N PRO A 35 -33.12 5.49 -4.24
CA PRO A 35 -32.31 5.16 -5.40
C PRO A 35 -31.75 3.73 -5.32
N SER A 36 -31.27 3.23 -6.46
CA SER A 36 -30.71 1.89 -6.51
C SER A 36 -29.29 1.85 -5.95
N PHE A 37 -29.08 0.96 -4.99
CA PHE A 37 -27.78 0.78 -4.36
C PHE A 37 -26.85 0.11 -5.37
N LYS A 38 -27.35 -0.95 -5.99
CA LYS A 38 -26.60 -1.70 -6.99
C LYS A 38 -26.17 -0.84 -8.18
N GLU A 39 -27.08 -0.02 -8.69
CA GLU A 39 -26.78 0.83 -9.84
C GLU A 39 -25.65 1.82 -9.57
N ALA A 40 -25.68 2.45 -8.38
CA ALA A 40 -24.66 3.42 -8.02
C ALA A 40 -23.29 2.75 -7.98
N LEU A 41 -23.24 1.51 -7.51
CA LEU A 41 -21.98 0.79 -7.42
C LEU A 41 -21.44 0.32 -8.76
N LEU A 42 -22.30 0.23 -9.77
CA LEU A 42 -21.88 -0.23 -11.09
C LEU A 42 -21.27 0.88 -11.96
N ARG A 43 -21.13 2.07 -11.42
CA ARG A 43 -20.55 3.17 -12.17
C ARG A 43 -19.07 2.82 -12.44
N PRO A 44 -18.44 3.52 -13.39
CA PRO A 44 -17.03 3.28 -13.76
C PRO A 44 -15.99 3.29 -12.64
N GLY A 45 -15.15 2.25 -12.62
CA GLY A 45 -14.10 2.18 -11.62
C GLY A 45 -14.54 1.67 -10.27
N LEU A 46 -13.60 1.49 -9.36
CA LEU A 46 -13.93 0.98 -8.03
C LEU A 46 -14.79 1.97 -7.25
N SER A 47 -16.03 1.58 -6.96
CA SER A 47 -16.96 2.45 -6.24
C SER A 47 -16.72 2.40 -4.72
N VAL A 48 -16.73 3.56 -4.08
CA VAL A 48 -16.53 3.60 -2.64
C VAL A 48 -17.84 3.80 -1.88
N ILE A 49 -18.09 2.88 -0.95
CA ILE A 49 -19.25 2.96 -0.07
C ILE A 49 -18.59 3.50 1.21
N ALA A 50 -18.82 4.76 1.52
CA ALA A 50 -18.22 5.37 2.69
C ALA A 50 -19.11 5.10 3.90
N GLU A 51 -18.49 4.66 5.00
CA GLU A 51 -19.23 4.29 6.18
C GLU A 51 -19.15 5.26 7.35
N VAL A 52 -20.32 5.60 7.91
CA VAL A 52 -20.39 6.50 9.04
C VAL A 52 -20.69 5.72 10.32
N LYS A 53 -19.93 6.00 11.37
CA LYS A 53 -20.11 5.34 12.65
C LYS A 53 -19.31 6.11 13.68
N ARG A 54 -19.91 6.32 14.84
CA ARG A 54 -19.26 7.07 15.91
C ARG A 54 -18.24 6.26 16.71
N GLN A 55 -18.36 4.93 16.67
CA GLN A 55 -17.42 4.10 17.41
C GLN A 55 -16.92 2.91 16.60
N SER A 56 -15.65 2.58 16.79
CA SER A 56 -14.98 1.48 16.11
C SER A 56 -14.58 0.39 17.10
N PRO A 57 -15.32 -0.73 17.12
CA PRO A 57 -15.02 -1.85 18.02
C PRO A 57 -13.62 -2.43 17.81
N SER A 58 -13.18 -2.48 16.55
CA SER A 58 -11.87 -3.05 16.23
C SER A 58 -10.68 -2.12 16.46
N GLU A 59 -10.83 -0.83 16.14
CA GLU A 59 -9.72 0.10 16.27
C GLU A 59 -9.93 1.22 17.30
N GLY A 60 -11.19 1.56 17.56
CA GLY A 60 -11.48 2.62 18.50
C GLY A 60 -10.93 3.94 18.01
N LEU A 61 -10.62 4.83 18.94
CA LEU A 61 -10.07 6.15 18.63
C LEU A 61 -10.88 7.02 17.67
N ILE A 62 -12.20 6.78 17.61
CA ILE A 62 -13.05 7.59 16.75
C ILE A 62 -13.51 8.80 17.54
N ARG A 63 -12.94 9.96 17.22
CA ARG A 63 -13.28 11.20 17.91
C ARG A 63 -14.73 11.64 17.64
N GLU A 64 -15.16 12.68 18.35
CA GLU A 64 -16.52 13.19 18.21
C GLU A 64 -16.77 13.67 16.79
N VAL A 65 -17.80 13.13 16.16
CA VAL A 65 -18.15 13.50 14.80
C VAL A 65 -19.65 13.34 14.58
N ASP A 66 -20.17 14.02 13.58
CA ASP A 66 -21.59 13.96 13.27
C ASP A 66 -21.80 13.09 12.03
N PRO A 67 -22.71 12.10 12.12
CA PRO A 67 -23.00 11.22 11.00
C PRO A 67 -23.41 11.96 9.73
N VAL A 68 -24.17 13.04 9.91
CA VAL A 68 -24.63 13.83 8.78
C VAL A 68 -23.50 14.60 8.12
N GLU A 69 -22.68 15.28 8.93
CA GLU A 69 -21.58 16.04 8.37
C GLU A 69 -20.63 15.09 7.65
N ALA A 70 -20.43 13.91 8.23
CA ALA A 70 -19.55 12.91 7.62
C ALA A 70 -20.12 12.45 6.28
N ALA A 71 -21.43 12.19 6.26
CA ALA A 71 -22.11 11.75 5.06
C ALA A 71 -22.02 12.82 3.96
N LEU A 72 -22.20 14.08 4.35
CA LEU A 72 -22.13 15.18 3.38
C LEU A 72 -20.71 15.30 2.84
N ALA A 73 -19.73 15.13 3.72
CA ALA A 73 -18.34 15.21 3.31
C ALA A 73 -18.02 14.06 2.36
N TYR A 74 -18.50 12.87 2.70
CA TYR A 74 -18.27 11.70 1.87
C TYR A 74 -18.81 11.89 0.46
N ALA A 75 -20.03 12.38 0.37
CA ALA A 75 -20.66 12.63 -0.92
C ALA A 75 -19.81 13.61 -1.74
N ARG A 76 -19.50 14.76 -1.15
CA ARG A 76 -18.70 15.76 -1.85
C ARG A 76 -17.34 15.18 -2.26
N GLY A 77 -16.86 14.21 -1.49
CA GLY A 77 -15.58 13.59 -1.77
C GLY A 77 -15.57 12.49 -2.82
N GLY A 78 -16.74 12.09 -3.29
CA GLY A 78 -16.78 11.06 -4.31
C GLY A 78 -17.36 9.70 -3.94
N ALA A 79 -17.91 9.57 -2.75
CA ALA A 79 -18.51 8.30 -2.35
C ALA A 79 -19.74 8.07 -3.25
N ARG A 80 -20.03 6.82 -3.58
CA ARG A 80 -21.18 6.51 -4.42
C ARG A 80 -22.36 5.97 -3.63
N ALA A 81 -22.11 5.61 -2.38
CA ALA A 81 -23.14 5.11 -1.47
C ALA A 81 -22.64 5.33 -0.05
N VAL A 82 -23.54 5.38 0.91
CA VAL A 82 -23.14 5.57 2.30
C VAL A 82 -23.70 4.47 3.19
N SER A 83 -22.84 3.91 4.02
CA SER A 83 -23.23 2.87 4.95
C SER A 83 -23.39 3.54 6.30
N VAL A 84 -24.55 3.35 6.93
CA VAL A 84 -24.83 3.95 8.23
C VAL A 84 -25.00 2.89 9.30
N LEU A 85 -24.13 2.91 10.31
CA LEU A 85 -24.22 1.95 11.39
C LEU A 85 -25.45 2.31 12.24
N THR A 86 -26.31 1.33 12.50
CA THR A 86 -27.49 1.59 13.33
C THR A 86 -27.47 0.70 14.56
N GLU A 87 -26.38 -0.06 14.72
CA GLU A 87 -26.19 -0.93 15.87
C GLU A 87 -25.80 0.02 17.01
N PRO A 88 -26.55 -0.01 18.12
CA PRO A 88 -26.31 0.88 19.26
C PRO A 88 -25.31 0.53 20.36
N HIS A 89 -25.16 -0.74 20.69
CA HIS A 89 -24.30 -1.14 21.79
C HIS A 89 -22.79 -1.18 21.59
N ARG A 90 -22.34 -1.44 20.37
CA ARG A 90 -20.91 -1.53 20.10
C ARG A 90 -20.42 -0.46 19.12
N PHE A 91 -21.31 0.00 18.24
CA PHE A 91 -20.96 1.00 17.25
C PHE A 91 -21.52 2.37 17.57
N GLY A 92 -22.22 2.47 18.69
CA GLY A 92 -22.80 3.74 19.10
C GLY A 92 -23.77 4.35 18.09
N GLY A 93 -24.33 3.52 17.22
CA GLY A 93 -25.26 4.03 16.23
C GLY A 93 -26.72 3.94 16.63
N SER A 94 -27.61 4.27 15.70
CA SER A 94 -29.04 4.20 15.94
C SER A 94 -29.79 4.37 14.64
N LEU A 95 -31.06 3.96 14.63
CA LEU A 95 -31.88 4.08 13.44
C LEU A 95 -32.02 5.55 13.10
N LEU A 96 -32.04 6.39 14.12
CA LEU A 96 -32.17 7.83 13.91
C LEU A 96 -31.08 8.33 12.98
N ASP A 97 -29.88 7.79 13.14
CA ASP A 97 -28.76 8.18 12.29
C ASP A 97 -29.10 7.96 10.82
N LEU A 98 -29.69 6.82 10.52
CA LEU A 98 -30.07 6.51 9.16
C LEU A 98 -31.07 7.55 8.63
N LYS A 99 -32.09 7.84 9.42
CA LYS A 99 -33.10 8.82 9.05
C LYS A 99 -32.49 10.19 8.76
N ARG A 100 -31.57 10.61 9.63
CA ARG A 100 -30.91 11.91 9.48
C ARG A 100 -30.09 11.99 8.21
N VAL A 101 -29.26 10.97 7.98
CA VAL A 101 -28.43 10.94 6.77
C VAL A 101 -29.31 10.96 5.53
N ARG A 102 -30.38 10.18 5.56
CA ARG A 102 -31.33 10.09 4.45
C ARG A 102 -31.86 11.47 4.06
N GLU A 103 -32.12 12.30 5.06
CA GLU A 103 -32.63 13.64 4.82
C GLU A 103 -31.56 14.58 4.27
N ALA A 104 -30.31 14.33 4.60
CA ALA A 104 -29.20 15.17 4.18
C ALA A 104 -28.58 14.90 2.82
N VAL A 105 -28.47 13.63 2.41
CA VAL A 105 -27.85 13.32 1.13
C VAL A 105 -28.76 12.57 0.15
N ASP A 106 -28.31 12.50 -1.10
CA ASP A 106 -29.08 11.82 -2.15
C ASP A 106 -28.54 10.42 -2.46
N LEU A 107 -27.35 10.11 -1.96
CA LEU A 107 -26.73 8.81 -2.21
C LEU A 107 -27.52 7.67 -1.58
N PRO A 108 -27.51 6.50 -2.23
CA PRO A 108 -28.25 5.34 -1.69
C PRO A 108 -27.60 4.93 -0.37
N LEU A 109 -28.44 4.57 0.61
CA LEU A 109 -27.95 4.19 1.93
C LEU A 109 -28.06 2.71 2.24
N LEU A 110 -27.08 2.22 2.99
CA LEU A 110 -27.02 0.83 3.43
C LEU A 110 -27.19 0.82 4.94
N ARG A 111 -28.18 0.09 5.44
CA ARG A 111 -28.32 0.02 6.89
C ARG A 111 -27.35 -1.04 7.39
N LYS A 112 -26.33 -0.59 8.11
CA LYS A 112 -25.32 -1.50 8.63
C LYS A 112 -25.72 -1.89 10.04
N ASP A 113 -26.20 -3.11 10.20
CA ASP A 113 -26.60 -3.59 11.51
C ASP A 113 -26.53 -5.11 11.45
N PHE A 114 -27.01 -5.77 12.51
CA PHE A 114 -26.97 -7.21 12.58
C PHE A 114 -28.40 -7.71 12.54
N VAL A 115 -28.89 -7.96 11.32
CA VAL A 115 -30.25 -8.42 11.08
C VAL A 115 -30.49 -9.84 11.60
N VAL A 116 -31.33 -9.94 12.62
CA VAL A 116 -31.65 -11.22 13.24
C VAL A 116 -33.16 -11.47 13.28
N ASP A 117 -33.92 -10.60 12.63
CA ASP A 117 -35.37 -10.71 12.59
C ASP A 117 -35.85 -9.99 11.35
N PRO A 118 -36.87 -10.54 10.66
CA PRO A 118 -37.40 -9.92 9.45
C PRO A 118 -37.85 -8.48 9.64
N PHE A 119 -38.29 -8.14 10.85
CA PHE A 119 -38.74 -6.78 11.12
C PHE A 119 -37.67 -5.73 10.84
N MET A 120 -36.42 -6.10 11.08
CA MET A 120 -35.32 -5.16 10.86
C MET A 120 -35.20 -4.79 9.38
N LEU A 121 -35.64 -5.69 8.50
CA LEU A 121 -35.60 -5.41 7.08
C LEU A 121 -36.75 -4.48 6.72
N GLU A 122 -37.93 -4.76 7.27
CA GLU A 122 -39.08 -3.91 7.00
C GLU A 122 -38.80 -2.50 7.49
N GLU A 123 -38.17 -2.43 8.66
CA GLU A 123 -37.81 -1.17 9.28
C GLU A 123 -36.82 -0.37 8.42
N ALA A 124 -35.78 -1.03 7.94
CA ALA A 124 -34.78 -0.38 7.10
C ALA A 124 -35.40 0.26 5.84
N ARG A 125 -36.25 -0.50 5.16
CA ARG A 125 -36.89 -0.01 3.94
C ARG A 125 -37.85 1.13 4.24
N ALA A 126 -38.61 0.99 5.34
CA ALA A 126 -39.58 2.00 5.71
C ALA A 126 -38.95 3.36 6.01
N PHE A 127 -37.69 3.36 6.44
CA PHE A 127 -37.03 4.62 6.75
C PHE A 127 -36.01 5.12 5.73
N GLY A 128 -36.11 4.64 4.49
CA GLY A 128 -35.23 5.14 3.45
C GLY A 128 -33.94 4.44 3.07
N ALA A 129 -33.65 3.27 3.64
CA ALA A 129 -32.44 2.57 3.26
C ALA A 129 -32.70 1.88 1.93
N SER A 130 -31.73 1.92 1.02
CA SER A 130 -31.87 1.27 -0.27
C SER A 130 -31.53 -0.21 -0.11
N ALA A 131 -30.65 -0.48 0.85
CA ALA A 131 -30.22 -1.84 1.11
C ALA A 131 -29.95 -2.04 2.59
N ALA A 132 -29.94 -3.30 3.00
CA ALA A 132 -29.67 -3.68 4.39
C ALA A 132 -28.61 -4.77 4.36
N LEU A 133 -27.78 -4.81 5.39
CA LEU A 133 -26.72 -5.81 5.47
C LEU A 133 -27.29 -7.15 5.95
N LEU A 134 -26.90 -8.23 5.28
CA LEU A 134 -27.30 -9.58 5.67
C LEU A 134 -25.98 -10.32 5.86
N ILE A 135 -25.73 -10.79 7.08
CA ILE A 135 -24.50 -11.50 7.39
C ILE A 135 -24.72 -13.01 7.40
N VAL A 136 -24.13 -13.70 6.43
CA VAL A 136 -24.30 -15.15 6.34
C VAL A 136 -23.82 -15.86 7.60
N ALA A 137 -22.82 -15.30 8.27
CA ALA A 137 -22.29 -15.92 9.49
C ALA A 137 -23.38 -15.95 10.56
N LEU A 138 -24.39 -15.09 10.42
CA LEU A 138 -25.48 -15.04 11.37
C LEU A 138 -26.70 -15.81 10.92
N LEU A 139 -27.11 -15.54 9.68
CA LEU A 139 -28.31 -16.17 9.12
C LEU A 139 -28.14 -17.62 8.67
N GLY A 140 -26.92 -17.99 8.32
CA GLY A 140 -26.69 -19.35 7.87
C GLY A 140 -27.54 -19.71 6.66
N GLU A 141 -28.16 -20.88 6.68
CA GLU A 141 -28.99 -21.30 5.56
C GLU A 141 -30.32 -20.55 5.45
N LEU A 142 -30.53 -19.57 6.31
CA LEU A 142 -31.75 -18.77 6.26
C LEU A 142 -31.46 -17.49 5.47
N THR A 143 -30.24 -17.40 4.93
CA THR A 143 -29.84 -16.24 4.15
C THR A 143 -30.78 -16.03 2.95
N GLY A 144 -31.12 -17.12 2.27
CA GLY A 144 -32.01 -17.01 1.12
C GLY A 144 -33.39 -16.51 1.47
N ALA A 145 -33.93 -16.98 2.58
CA ALA A 145 -35.26 -16.55 3.01
C ALA A 145 -35.28 -15.05 3.31
N TYR A 146 -34.22 -14.57 3.97
CA TYR A 146 -34.12 -13.15 4.31
C TYR A 146 -33.91 -12.28 3.07
N LEU A 147 -33.12 -12.78 2.13
CA LEU A 147 -32.88 -12.04 0.90
C LEU A 147 -34.19 -11.90 0.14
N GLU A 148 -34.97 -12.97 0.09
CA GLU A 148 -36.26 -12.95 -0.61
C GLU A 148 -37.21 -12.00 0.09
N GLU A 149 -37.18 -11.98 1.42
CA GLU A 149 -38.04 -11.07 2.17
C GLU A 149 -37.68 -9.63 1.79
N ALA A 150 -36.40 -9.37 1.63
CA ALA A 150 -35.95 -8.04 1.24
C ALA A 150 -36.52 -7.72 -0.15
N ARG A 151 -36.45 -8.68 -1.07
CA ARG A 151 -36.99 -8.47 -2.41
C ARG A 151 -38.47 -8.10 -2.34
N ARG A 152 -39.22 -8.85 -1.54
CA ARG A 152 -40.66 -8.62 -1.42
C ARG A 152 -40.93 -7.21 -0.89
N LEU A 153 -40.04 -6.72 -0.04
CA LEU A 153 -40.16 -5.39 0.55
C LEU A 153 -39.62 -4.31 -0.38
N GLY A 154 -39.01 -4.70 -1.49
CA GLY A 154 -38.44 -3.72 -2.41
C GLY A 154 -37.13 -3.20 -1.86
N LEU A 155 -36.49 -4.03 -1.05
CA LEU A 155 -35.23 -3.69 -0.42
C LEU A 155 -34.07 -4.49 -0.97
N GLU A 156 -32.92 -3.84 -1.18
CA GLU A 156 -31.74 -4.55 -1.68
C GLU A 156 -30.96 -5.04 -0.47
N ALA A 157 -29.94 -5.86 -0.72
CA ALA A 157 -29.14 -6.38 0.38
C ALA A 157 -27.68 -6.52 0.02
N LEU A 158 -26.81 -6.23 0.98
CA LEU A 158 -25.38 -6.45 0.80
C LEU A 158 -25.21 -7.76 1.54
N VAL A 159 -25.07 -8.85 0.80
CA VAL A 159 -24.91 -10.17 1.43
C VAL A 159 -23.43 -10.35 1.74
N GLU A 160 -23.12 -10.34 3.04
CA GLU A 160 -21.75 -10.45 3.51
C GLU A 160 -21.29 -11.86 3.85
N VAL A 161 -20.17 -12.27 3.28
CA VAL A 161 -19.59 -13.59 3.52
C VAL A 161 -18.14 -13.41 3.94
N HIS A 162 -17.60 -14.41 4.63
CA HIS A 162 -16.22 -14.35 5.10
C HIS A 162 -15.48 -15.64 4.78
N THR A 163 -16.22 -16.68 4.39
CA THR A 163 -15.61 -17.95 4.07
C THR A 163 -16.11 -18.51 2.75
N GLU A 164 -15.41 -19.53 2.25
CA GLU A 164 -15.77 -20.17 1.01
C GLU A 164 -17.15 -20.79 1.15
N ARG A 165 -17.41 -21.37 2.33
CA ARG A 165 -18.68 -22.02 2.61
C ARG A 165 -19.82 -20.99 2.58
N GLU A 166 -19.59 -19.84 3.20
CA GLU A 166 -20.60 -18.78 3.25
C GLU A 166 -20.85 -18.23 1.85
N LEU A 167 -19.79 -18.11 1.06
CA LEU A 167 -19.90 -17.63 -0.32
C LEU A 167 -20.89 -18.47 -1.10
N GLU A 168 -20.76 -19.78 -1.02
CA GLU A 168 -21.66 -20.67 -1.74
C GLU A 168 -23.10 -20.44 -1.32
N ILE A 169 -23.32 -20.19 -0.03
CA ILE A 169 -24.67 -19.94 0.46
C ILE A 169 -25.21 -18.68 -0.19
N ALA A 170 -24.40 -17.63 -0.22
CA ALA A 170 -24.79 -16.36 -0.81
C ALA A 170 -25.09 -16.50 -2.29
N LEU A 171 -24.24 -17.23 -3.00
CA LEU A 171 -24.42 -17.44 -4.44
C LEU A 171 -25.72 -18.19 -4.74
N GLU A 172 -26.01 -19.23 -3.96
CA GLU A 172 -27.22 -19.99 -4.18
C GLU A 172 -28.49 -19.22 -3.80
N ALA A 173 -28.35 -18.27 -2.88
CA ALA A 173 -29.50 -17.46 -2.46
C ALA A 173 -29.86 -16.43 -3.52
N GLY A 174 -28.98 -16.26 -4.49
CA GLY A 174 -29.22 -15.31 -5.56
C GLY A 174 -28.82 -13.89 -5.21
N ALA A 175 -27.75 -13.73 -4.43
CA ALA A 175 -27.28 -12.40 -4.05
C ALA A 175 -26.91 -11.63 -5.31
N GLU A 176 -27.26 -10.35 -5.33
CA GLU A 176 -26.96 -9.48 -6.46
C GLU A 176 -25.80 -8.56 -6.08
N VAL A 177 -25.72 -8.23 -4.80
CA VAL A 177 -24.64 -7.41 -4.27
C VAL A 177 -24.01 -8.27 -3.17
N LEU A 178 -22.80 -8.74 -3.44
CA LEU A 178 -22.09 -9.63 -2.54
C LEU A 178 -20.84 -9.01 -1.95
N GLY A 179 -20.75 -9.00 -0.62
CA GLY A 179 -19.60 -8.44 0.02
C GLY A 179 -18.72 -9.49 0.68
N ILE A 180 -17.41 -9.29 0.60
CA ILE A 180 -16.47 -10.20 1.23
C ILE A 180 -15.84 -9.41 2.35
N ASN A 181 -16.00 -9.87 3.59
CA ASN A 181 -15.44 -9.17 4.73
C ASN A 181 -14.05 -9.68 5.10
N ASN A 182 -13.07 -8.79 5.06
CA ASN A 182 -11.69 -9.15 5.41
C ASN A 182 -11.59 -9.35 6.91
N ARG A 183 -12.58 -8.87 7.64
CA ARG A 183 -12.55 -9.01 9.10
C ARG A 183 -13.40 -10.17 9.59
N ASP A 184 -12.84 -10.93 10.51
CA ASP A 184 -13.55 -12.05 11.11
C ASP A 184 -14.37 -11.41 12.23
N LEU A 185 -15.69 -11.37 12.08
CA LEU A 185 -16.55 -10.75 13.08
C LEU A 185 -16.53 -11.39 14.47
N ALA A 186 -16.07 -12.64 14.55
CA ALA A 186 -16.01 -13.32 15.83
C ALA A 186 -14.82 -12.88 16.67
N THR A 187 -13.66 -12.75 16.02
CA THR A 187 -12.41 -12.36 16.68
C THR A 187 -12.00 -10.92 16.43
N LEU A 188 -12.53 -10.33 15.35
CA LEU A 188 -12.22 -8.97 14.93
C LEU A 188 -10.84 -8.89 14.28
N HIS A 189 -10.27 -10.05 13.96
CA HIS A 189 -8.97 -10.11 13.30
C HIS A 189 -9.16 -9.80 11.81
N ILE A 190 -8.26 -9.02 11.24
CA ILE A 190 -8.36 -8.64 9.84
C ILE A 190 -7.36 -9.39 8.96
N ASN A 191 -7.78 -9.73 7.74
CA ASN A 191 -6.93 -10.42 6.78
C ASN A 191 -7.30 -9.86 5.40
N LEU A 192 -6.52 -8.88 4.93
CA LEU A 192 -6.80 -8.26 3.64
C LEU A 192 -6.73 -9.19 2.43
N GLU A 193 -6.22 -10.41 2.61
CA GLU A 193 -6.14 -11.34 1.49
C GLU A 193 -7.47 -12.05 1.25
N THR A 194 -8.37 -11.94 2.22
CA THR A 194 -9.67 -12.59 2.12
C THR A 194 -10.54 -12.11 0.97
N ALA A 195 -10.66 -10.79 0.83
CA ALA A 195 -11.48 -10.22 -0.24
C ALA A 195 -11.03 -10.69 -1.62
N PRO A 196 -9.75 -10.47 -1.96
CA PRO A 196 -9.27 -10.91 -3.28
C PRO A 196 -9.48 -12.40 -3.53
N ARG A 197 -9.10 -13.22 -2.56
CA ARG A 197 -9.22 -14.67 -2.66
C ARG A 197 -10.65 -15.14 -2.96
N LEU A 198 -11.60 -14.73 -2.12
CA LEU A 198 -12.98 -15.14 -2.31
C LEU A 198 -13.69 -14.41 -3.45
N GLY A 199 -13.20 -13.21 -3.77
CA GLY A 199 -13.80 -12.47 -4.87
C GLY A 199 -13.51 -13.19 -6.16
N ARG A 200 -12.27 -13.64 -6.30
CA ARG A 200 -11.83 -14.38 -7.48
C ARG A 200 -12.67 -15.65 -7.63
N LEU A 201 -12.87 -16.35 -6.51
CA LEU A 201 -13.66 -17.58 -6.51
C LEU A 201 -15.10 -17.30 -6.92
N ALA A 202 -15.64 -16.18 -6.45
CA ALA A 202 -17.02 -15.81 -6.80
C ALA A 202 -17.18 -15.67 -8.30
N ARG A 203 -16.25 -14.97 -8.95
CA ARG A 203 -16.30 -14.78 -10.40
C ARG A 203 -16.15 -16.12 -11.13
N LYS A 204 -15.24 -16.95 -10.62
CA LYS A 204 -14.99 -18.26 -11.21
C LYS A 204 -16.24 -19.12 -11.09
N ARG A 205 -16.97 -18.95 -9.98
CA ARG A 205 -18.18 -19.70 -9.74
C ARG A 205 -19.36 -19.13 -10.54
N GLY A 206 -19.07 -18.12 -11.37
CA GLY A 206 -20.11 -17.53 -12.20
C GLY A 206 -20.84 -16.30 -11.68
N PHE A 207 -20.42 -15.76 -10.53
CA PHE A 207 -21.08 -14.57 -9.99
C PHE A 207 -20.92 -13.39 -10.95
N GLY A 208 -22.04 -12.85 -11.42
CA GLY A 208 -21.98 -11.73 -12.33
C GLY A 208 -22.52 -10.43 -11.76
N GLY A 209 -22.83 -10.44 -10.47
CA GLY A 209 -23.36 -9.25 -9.83
C GLY A 209 -22.29 -8.30 -9.31
N VAL A 210 -22.67 -7.47 -8.34
CA VAL A 210 -21.75 -6.50 -7.76
C VAL A 210 -20.94 -7.13 -6.61
N LEU A 211 -19.61 -7.10 -6.76
CA LEU A 211 -18.71 -7.63 -5.74
C LEU A 211 -18.18 -6.48 -4.91
N VAL A 212 -18.32 -6.61 -3.58
CA VAL A 212 -17.89 -5.56 -2.66
C VAL A 212 -16.84 -6.07 -1.68
N ALA A 213 -15.71 -5.38 -1.59
CA ALA A 213 -14.65 -5.74 -0.65
C ALA A 213 -14.89 -4.92 0.61
N GLU A 214 -14.88 -5.57 1.77
CA GLU A 214 -15.14 -4.88 3.03
C GLU A 214 -14.08 -4.98 4.11
N SER A 215 -13.91 -3.86 4.82
CA SER A 215 -13.03 -3.73 5.99
C SER A 215 -11.51 -3.68 5.86
N GLY A 216 -10.92 -2.89 6.75
CA GLY A 216 -9.47 -2.75 6.84
C GLY A 216 -8.70 -1.91 5.84
N TYR A 217 -9.40 -1.25 4.92
CA TYR A 217 -8.73 -0.43 3.91
C TYR A 217 -8.35 0.97 4.39
N SER A 218 -7.15 1.42 4.02
CA SER A 218 -6.70 2.74 4.45
C SER A 218 -5.88 3.53 3.43
N ARG A 219 -5.48 2.89 2.32
CA ARG A 219 -4.71 3.62 1.32
C ARG A 219 -4.95 3.16 -0.12
N LYS A 220 -4.80 4.09 -1.05
CA LYS A 220 -5.02 3.85 -2.47
C LYS A 220 -4.38 2.60 -3.06
N GLU A 221 -3.16 2.26 -2.65
CA GLU A 221 -2.49 1.09 -3.20
C GLU A 221 -3.25 -0.20 -2.93
N GLU A 222 -3.93 -0.28 -1.79
CA GLU A 222 -4.70 -1.47 -1.45
C GLU A 222 -5.91 -1.59 -2.36
N LEU A 223 -6.44 -0.44 -2.77
CA LEU A 223 -7.60 -0.40 -3.66
C LEU A 223 -7.22 -0.72 -5.09
N LYS A 224 -6.03 -0.27 -5.49
CA LYS A 224 -5.53 -0.52 -6.85
C LYS A 224 -5.58 -2.01 -7.16
N ALA A 225 -5.21 -2.82 -6.18
CA ALA A 225 -5.18 -4.27 -6.32
C ALA A 225 -6.56 -4.90 -6.49
N LEU A 226 -7.62 -4.15 -6.15
CA LEU A 226 -8.99 -4.66 -6.27
C LEU A 226 -9.60 -4.37 -7.63
N GLU A 227 -9.01 -3.44 -8.36
CA GLU A 227 -9.54 -3.06 -9.67
C GLU A 227 -9.51 -4.22 -10.66
N GLY A 228 -10.56 -4.34 -11.46
CA GLY A 228 -10.64 -5.42 -12.42
C GLY A 228 -11.33 -6.65 -11.86
N LEU A 229 -11.57 -6.63 -10.54
CA LEU A 229 -12.22 -7.76 -9.88
C LEU A 229 -13.44 -7.30 -9.11
N PHE A 230 -13.26 -6.31 -8.24
CA PHE A 230 -14.36 -5.79 -7.45
C PHE A 230 -15.04 -4.61 -8.10
N ASP A 231 -16.33 -4.43 -7.80
CA ASP A 231 -17.10 -3.32 -8.33
C ASP A 231 -17.07 -2.20 -7.28
N ALA A 232 -16.91 -2.56 -6.01
CA ALA A 232 -16.91 -1.58 -4.95
C ALA A 232 -16.10 -2.00 -3.74
N VAL A 233 -15.89 -1.04 -2.84
CA VAL A 233 -15.16 -1.25 -1.60
C VAL A 233 -15.85 -0.46 -0.49
N LEU A 234 -15.99 -1.08 0.68
CA LEU A 234 -16.62 -0.42 1.82
C LEU A 234 -15.51 0.02 2.77
N ILE A 235 -15.48 1.32 3.07
CA ILE A 235 -14.46 1.89 3.93
C ILE A 235 -15.06 2.83 4.97
N GLY A 236 -14.68 2.62 6.22
CA GLY A 236 -15.20 3.47 7.28
C GLY A 236 -14.17 4.09 8.22
N THR A 237 -13.68 3.29 9.16
CA THR A 237 -12.73 3.74 10.17
C THR A 237 -11.54 4.58 9.71
N SER A 238 -10.87 4.19 8.64
CA SER A 238 -9.73 4.96 8.15
C SER A 238 -10.15 6.37 7.76
N LEU A 239 -11.40 6.52 7.35
CA LEU A 239 -11.92 7.84 6.97
C LEU A 239 -12.40 8.60 8.19
N MET A 240 -13.18 7.94 9.05
CA MET A 240 -13.72 8.56 10.25
C MET A 240 -12.62 9.09 11.16
N ARG A 241 -11.42 8.55 11.03
CA ARG A 241 -10.29 8.96 11.86
C ARG A 241 -9.38 10.02 11.22
N ALA A 242 -9.63 10.33 9.96
CA ALA A 242 -8.82 11.32 9.25
C ALA A 242 -9.18 12.76 9.65
N PRO A 243 -8.19 13.67 9.57
CA PRO A 243 -8.40 15.09 9.92
C PRO A 243 -9.58 15.66 9.15
N ASP A 244 -9.59 15.43 7.85
CA ASP A 244 -10.67 15.90 6.98
C ASP A 244 -11.20 14.75 6.15
N LEU A 245 -12.43 14.34 6.42
CA LEU A 245 -13.07 13.24 5.72
C LEU A 245 -13.07 13.37 4.19
N GLU A 246 -13.51 14.51 3.67
CA GLU A 246 -13.56 14.71 2.23
C GLU A 246 -12.19 14.56 1.58
N ALA A 247 -11.17 15.12 2.21
CA ALA A 247 -9.81 15.05 1.68
C ALA A 247 -9.29 13.62 1.64
N ALA A 248 -9.45 12.91 2.76
CA ALA A 248 -8.99 11.52 2.84
C ALA A 248 -9.68 10.67 1.79
N LEU A 249 -10.94 10.96 1.52
CA LEU A 249 -11.70 10.20 0.53
C LEU A 249 -11.25 10.52 -0.89
N ARG A 250 -10.99 11.79 -1.17
CA ARG A 250 -10.54 12.20 -2.49
C ARG A 250 -9.25 11.49 -2.84
N GLU A 251 -8.38 11.32 -1.85
CA GLU A 251 -7.09 10.67 -2.08
C GLU A 251 -7.30 9.18 -2.35
N LEU A 252 -8.35 8.60 -1.76
CA LEU A 252 -8.63 7.18 -1.97
C LEU A 252 -9.18 6.95 -3.37
N VAL A 253 -9.88 7.94 -3.91
CA VAL A 253 -10.44 7.82 -5.26
C VAL A 253 -9.35 8.11 -6.28
N GLY A 254 -8.49 9.07 -5.97
CA GLY A 254 -7.40 9.42 -6.87
C GLY A 254 -7.87 10.25 -8.05
N MET B 1 6.37 -10.78 0.08
CA MET B 1 6.99 -11.44 1.27
C MET B 1 8.22 -10.67 1.73
N ARG B 2 8.44 -10.68 3.03
CA ARG B 2 9.60 -9.99 3.61
C ARG B 2 10.73 -11.00 3.70
N PRO B 3 11.97 -10.55 3.50
CA PRO B 3 13.10 -11.48 3.58
C PRO B 3 13.36 -11.92 5.01
N ASP B 4 13.97 -13.09 5.18
CA ASP B 4 14.31 -13.60 6.50
C ASP B 4 15.66 -12.97 6.87
N LEU B 5 15.66 -12.09 7.86
CA LEU B 5 16.89 -11.42 8.26
C LEU B 5 17.60 -12.04 9.46
N SER B 6 17.04 -13.11 10.02
CA SER B 6 17.62 -13.75 11.20
C SER B 6 19.09 -14.18 11.08
N ARG B 7 19.56 -14.47 9.88
CA ARG B 7 20.95 -14.88 9.70
C ARG B 7 21.86 -13.82 9.07
N VAL B 8 21.42 -12.56 9.08
CA VAL B 8 22.25 -11.49 8.53
C VAL B 8 23.01 -10.84 9.68
N PRO B 9 24.34 -11.02 9.71
CA PRO B 9 25.17 -10.47 10.77
C PRO B 9 25.68 -9.05 10.54
N GLY B 10 26.52 -8.59 11.46
CA GLY B 10 27.14 -7.28 11.36
C GLY B 10 26.24 -6.06 11.31
N VAL B 11 26.84 -4.94 10.90
CA VAL B 11 26.13 -3.67 10.81
C VAL B 11 24.97 -3.80 9.84
N LEU B 12 25.20 -4.49 8.72
CA LEU B 12 24.16 -4.69 7.72
C LEU B 12 22.93 -5.33 8.36
N GLY B 13 23.14 -6.37 9.14
CA GLY B 13 22.04 -7.04 9.80
C GLY B 13 21.32 -6.14 10.79
N GLU B 14 22.11 -5.43 11.61
CA GLU B 14 21.55 -4.52 12.61
C GLU B 14 20.69 -3.47 11.93
N ILE B 15 21.21 -2.87 10.86
CA ILE B 15 20.50 -1.83 10.13
C ILE B 15 19.22 -2.38 9.49
N ALA B 16 19.33 -3.52 8.81
CA ALA B 16 18.19 -4.14 8.14
C ALA B 16 17.04 -4.51 9.07
N ARG B 17 17.35 -5.13 10.20
CA ARG B 17 16.30 -5.52 11.12
C ARG B 17 15.61 -4.31 11.75
N LYS B 18 16.37 -3.26 12.00
CA LYS B 18 15.79 -2.05 12.57
C LYS B 18 14.82 -1.45 11.54
N ARG B 19 15.26 -1.40 10.28
CA ARG B 19 14.40 -0.86 9.22
C ARG B 19 13.13 -1.70 9.11
N ALA B 20 13.28 -3.03 9.26
CA ALA B 20 12.13 -3.91 9.17
C ALA B 20 11.10 -3.61 10.26
N SER B 21 11.59 -3.26 11.45
CA SER B 21 10.71 -2.95 12.56
C SER B 21 10.02 -1.60 12.40
N GLU B 22 10.53 -0.78 11.49
CA GLU B 22 9.99 0.55 11.25
C GLU B 22 9.01 0.66 10.09
N VAL B 23 8.87 -0.39 9.30
CA VAL B 23 7.94 -0.34 8.18
C VAL B 23 6.52 -0.27 8.72
N ALA B 24 5.82 0.80 8.37
CA ALA B 24 4.45 1.01 8.81
C ALA B 24 3.73 1.71 7.66
N PRO B 25 3.19 0.93 6.70
CA PRO B 25 2.49 1.48 5.54
C PRO B 25 1.54 2.61 5.90
N TYR B 26 1.49 3.62 5.03
CA TYR B 26 0.65 4.78 5.23
C TYR B 26 0.30 5.34 3.86
N PRO B 27 -0.74 6.20 3.77
CA PRO B 27 -1.14 6.78 2.48
C PRO B 27 -0.01 7.57 1.82
N LEU B 28 0.36 7.14 0.62
CA LEU B 28 1.45 7.78 -0.12
C LEU B 28 0.97 8.87 -1.09
N PRO B 29 1.84 9.84 -1.40
CA PRO B 29 1.46 10.91 -2.33
C PRO B 29 1.33 10.31 -3.72
N GLU B 30 0.63 10.98 -4.62
CA GLU B 30 0.48 10.45 -5.96
C GLU B 30 1.86 10.50 -6.62
N PRO B 31 2.33 9.37 -7.18
CA PRO B 31 3.65 9.32 -7.82
C PRO B 31 3.79 10.28 -9.00
N PRO B 32 4.82 11.14 -8.96
CA PRO B 32 5.04 12.09 -10.04
C PRO B 32 5.74 11.41 -11.22
N SER B 33 5.85 12.12 -12.33
CA SER B 33 6.52 11.57 -13.50
C SER B 33 8.02 11.63 -13.21
N VAL B 34 8.73 10.56 -13.52
CA VAL B 34 10.17 10.53 -13.26
C VAL B 34 10.96 10.15 -14.52
N PRO B 35 12.20 10.67 -14.64
CA PRO B 35 13.04 10.37 -15.81
C PRO B 35 13.65 8.98 -15.72
N SER B 36 14.12 8.47 -16.85
CA SER B 36 14.71 7.16 -16.91
C SER B 36 16.11 7.12 -16.28
N PHE B 37 16.28 6.20 -15.33
CA PHE B 37 17.56 6.01 -14.64
C PHE B 37 18.53 5.39 -15.64
N LYS B 38 18.10 4.29 -16.27
CA LYS B 38 18.92 3.59 -17.26
C LYS B 38 19.42 4.49 -18.39
N GLU B 39 18.51 5.24 -19.01
CA GLU B 39 18.88 6.13 -20.11
C GLU B 39 19.97 7.13 -19.73
N ALA B 40 19.84 7.70 -18.54
CA ALA B 40 20.82 8.67 -18.08
C ALA B 40 22.19 8.02 -17.91
N LEU B 41 22.21 6.80 -17.38
CA LEU B 41 23.47 6.10 -17.15
C LEU B 41 24.14 5.60 -18.42
N LEU B 42 23.35 5.39 -19.48
CA LEU B 42 23.90 4.91 -20.74
C LEU B 42 24.40 6.01 -21.68
N ARG B 43 24.41 7.25 -21.19
CA ARG B 43 24.91 8.36 -22.01
C ARG B 43 26.41 8.12 -22.22
N PRO B 44 27.04 8.84 -23.17
CA PRO B 44 28.47 8.68 -23.47
C PRO B 44 29.45 8.83 -22.31
N GLY B 45 30.36 7.86 -22.19
CA GLY B 45 31.38 7.92 -21.16
C GLY B 45 30.91 7.41 -19.81
N LEU B 46 31.86 7.19 -18.90
CA LEU B 46 31.52 6.69 -17.57
C LEU B 46 30.63 7.70 -16.86
N SER B 47 29.43 7.26 -16.50
CA SER B 47 28.46 8.12 -15.81
C SER B 47 28.69 8.09 -14.30
N VAL B 48 28.44 9.22 -13.64
CA VAL B 48 28.60 9.29 -12.20
C VAL B 48 27.27 9.49 -11.50
N ILE B 49 26.98 8.61 -10.56
CA ILE B 49 25.77 8.73 -9.76
C ILE B 49 26.35 9.35 -8.49
N ALA B 50 26.09 10.63 -8.27
CA ALA B 50 26.62 11.31 -7.08
C ALA B 50 25.69 11.06 -5.90
N GLU B 51 26.27 10.72 -4.75
CA GLU B 51 25.47 10.39 -3.59
C GLU B 51 25.50 11.37 -2.42
N VAL B 52 24.31 11.69 -1.91
CA VAL B 52 24.15 12.57 -0.77
C VAL B 52 24.16 11.66 0.44
N LYS B 53 25.24 11.73 1.21
CA LYS B 53 25.40 10.89 2.38
C LYS B 53 26.11 11.70 3.46
N ARG B 54 25.37 12.06 4.50
CA ARG B 54 25.91 12.85 5.60
C ARG B 54 26.92 12.08 6.45
N GLN B 55 26.72 10.77 6.58
CA GLN B 55 27.61 9.94 7.38
C GLN B 55 27.42 8.47 7.07
N SER B 56 28.32 7.64 7.60
CA SER B 56 28.24 6.19 7.38
C SER B 56 29.03 5.48 8.47
N PRO B 57 28.77 4.18 8.67
CA PRO B 57 29.48 3.42 9.68
C PRO B 57 31.00 3.42 9.46
N SER B 58 31.40 3.23 8.20
CA SER B 58 32.82 3.19 7.85
C SER B 58 33.55 4.52 7.84
N GLU B 59 32.85 5.61 7.53
CA GLU B 59 33.47 6.93 7.47
C GLU B 59 33.20 7.86 8.63
N GLY B 60 32.17 7.58 9.42
CA GLY B 60 31.82 8.45 10.52
C GLY B 60 31.07 9.64 9.93
N LEU B 61 31.19 10.81 10.55
CA LEU B 61 30.51 11.99 10.04
C LEU B 61 31.28 12.48 8.81
N ILE B 62 30.66 12.35 7.65
CA ILE B 62 31.27 12.75 6.40
C ILE B 62 31.20 14.26 6.18
N ARG B 63 30.00 14.84 6.25
CA ARG B 63 29.86 16.27 6.01
C ARG B 63 28.50 16.83 6.44
N GLU B 64 28.52 18.00 7.07
CA GLU B 64 27.30 18.67 7.49
C GLU B 64 26.91 19.54 6.30
N VAL B 65 25.94 19.12 5.51
CA VAL B 65 25.52 19.90 4.35
C VAL B 65 24.05 19.68 4.05
N ASP B 66 23.38 20.73 3.58
CA ASP B 66 21.97 20.66 3.22
C ASP B 66 21.86 19.69 2.05
N PRO B 67 20.96 18.70 2.14
CA PRO B 67 20.82 17.73 1.05
C PRO B 67 20.45 18.34 -0.32
N VAL B 68 19.67 19.41 -0.32
CA VAL B 68 19.30 20.06 -1.57
C VAL B 68 20.52 20.78 -2.16
N GLU B 69 21.26 21.46 -1.29
CA GLU B 69 22.45 22.16 -1.75
C GLU B 69 23.44 21.17 -2.37
N ALA B 70 23.57 19.99 -1.77
CA ALA B 70 24.47 18.97 -2.28
C ALA B 70 24.01 18.45 -3.64
N ALA B 71 22.71 18.16 -3.75
CA ALA B 71 22.15 17.65 -5.00
C ALA B 71 22.26 18.65 -6.13
N LEU B 72 22.01 19.93 -5.84
CA LEU B 72 22.11 20.98 -6.84
C LEU B 72 23.56 21.12 -7.30
N ALA B 73 24.48 20.98 -6.36
CA ALA B 73 25.91 21.07 -6.66
C ALA B 73 26.28 19.88 -7.56
N TYR B 74 25.77 18.70 -7.22
CA TYR B 74 26.04 17.49 -8.00
C TYR B 74 25.53 17.63 -9.43
N ALA B 75 24.31 18.12 -9.58
CA ALA B 75 23.74 18.29 -10.92
C ALA B 75 24.58 19.24 -11.76
N ARG B 76 24.87 20.42 -11.24
CA ARG B 76 25.65 21.38 -12.02
C ARG B 76 27.08 20.86 -12.21
N GLY B 77 27.48 19.92 -11.35
CA GLY B 77 28.81 19.34 -11.44
C GLY B 77 28.89 18.20 -12.45
N GLY B 78 27.75 17.85 -13.06
CA GLY B 78 27.76 16.80 -14.07
C GLY B 78 27.24 15.43 -13.70
N ALA B 79 26.62 15.29 -12.53
CA ALA B 79 26.09 13.98 -12.14
C ALA B 79 24.97 13.61 -13.10
N ARG B 80 24.88 12.34 -13.48
CA ARG B 80 23.82 11.92 -14.38
C ARG B 80 22.63 11.40 -13.60
N ALA B 81 22.85 11.14 -12.32
CA ALA B 81 21.80 10.68 -11.40
C ALA B 81 22.31 11.00 -10.00
N VAL B 82 21.39 11.12 -9.06
CA VAL B 82 21.75 11.41 -7.68
C VAL B 82 21.16 10.36 -6.75
N SER B 83 22.00 9.84 -5.87
CA SER B 83 21.57 8.85 -4.89
C SER B 83 21.35 9.58 -3.57
N VAL B 84 20.23 9.29 -2.92
CA VAL B 84 19.91 9.92 -1.66
C VAL B 84 19.77 8.86 -0.57
N LEU B 85 20.59 8.96 0.46
CA LEU B 85 20.49 8.01 1.58
C LEU B 85 19.25 8.39 2.37
N THR B 86 18.37 7.42 2.59
CA THR B 86 17.17 7.68 3.36
C THR B 86 17.16 6.86 4.66
N GLU B 87 18.24 6.09 4.87
CA GLU B 87 18.38 5.29 6.09
C GLU B 87 18.72 6.34 7.15
N PRO B 88 17.89 6.45 8.20
CA PRO B 88 18.07 7.42 9.28
C PRO B 88 18.96 7.12 10.49
N HIS B 89 19.15 5.85 10.81
CA HIS B 89 19.93 5.49 11.99
C HIS B 89 21.45 5.53 11.92
N ARG B 90 22.03 5.08 10.81
CA ARG B 90 23.48 5.08 10.69
C ARG B 90 24.00 5.98 9.57
N PHE B 91 23.14 6.35 8.64
CA PHE B 91 23.55 7.19 7.52
C PHE B 91 23.05 8.63 7.62
N GLY B 92 22.29 8.90 8.67
CA GLY B 92 21.79 10.25 8.89
C GLY B 92 20.87 10.79 7.81
N GLY B 93 20.26 9.89 7.04
CA GLY B 93 19.38 10.34 5.98
C GLY B 93 17.92 10.25 6.40
N SER B 94 17.02 10.58 5.47
CA SER B 94 15.60 10.53 5.75
C SER B 94 14.81 10.59 4.45
N LEU B 95 13.53 10.29 4.52
CA LEU B 95 12.69 10.34 3.34
C LEU B 95 12.50 11.80 2.95
N LEU B 96 12.49 12.68 3.94
CA LEU B 96 12.34 14.11 3.69
C LEU B 96 13.48 14.58 2.78
N ASP B 97 14.68 14.04 2.98
CA ASP B 97 15.83 14.41 2.16
C ASP B 97 15.49 14.13 0.70
N LEU B 98 14.93 12.96 0.43
CA LEU B 98 14.57 12.58 -0.93
C LEU B 98 13.49 13.51 -1.49
N LYS B 99 12.48 13.79 -0.69
CA LYS B 99 11.37 14.66 -1.12
C LYS B 99 11.88 16.03 -1.55
N ARG B 100 12.72 16.64 -0.71
CA ARG B 100 13.26 17.95 -1.00
C ARG B 100 14.18 17.94 -2.22
N VAL B 101 15.02 16.93 -2.33
CA VAL B 101 15.92 16.83 -3.49
C VAL B 101 15.10 16.67 -4.76
N ARG B 102 14.04 15.88 -4.70
CA ARG B 102 13.19 15.66 -5.87
C ARG B 102 12.59 16.96 -6.38
N GLU B 103 12.14 17.80 -5.47
CA GLU B 103 11.53 19.07 -5.90
C GLU B 103 12.59 20.04 -6.40
N ALA B 104 13.81 19.89 -5.90
CA ALA B 104 14.92 20.79 -6.25
C ALA B 104 15.62 20.54 -7.59
N VAL B 105 15.77 19.28 -7.97
CA VAL B 105 16.46 18.94 -9.23
C VAL B 105 15.59 18.15 -10.20
N ASP B 106 16.11 17.96 -11.41
CA ASP B 106 15.41 17.23 -12.47
C ASP B 106 16.01 15.85 -12.74
N LEU B 107 17.21 15.61 -12.22
CA LEU B 107 17.90 14.33 -12.44
C LEU B 107 17.21 13.11 -11.89
N PRO B 108 17.49 11.93 -12.48
CA PRO B 108 16.89 10.69 -11.99
C PRO B 108 17.43 10.48 -10.58
N LEU B 109 16.58 10.04 -9.65
CA LEU B 109 17.03 9.82 -8.28
C LEU B 109 16.99 8.35 -7.88
N LEU B 110 17.94 7.97 -7.03
CA LEU B 110 18.01 6.60 -6.53
C LEU B 110 17.78 6.63 -5.03
N ARG B 111 16.81 5.87 -4.54
CA ARG B 111 16.61 5.83 -3.10
C ARG B 111 17.60 4.82 -2.55
N LYS B 112 18.55 5.30 -1.75
CA LYS B 112 19.55 4.43 -1.15
C LYS B 112 19.13 4.08 0.27
N ASP B 113 18.66 2.85 0.46
CA ASP B 113 18.22 2.41 1.77
C ASP B 113 18.33 0.90 1.80
N PHE B 114 17.78 0.29 2.84
CA PHE B 114 17.83 -1.16 2.98
C PHE B 114 16.42 -1.70 2.86
N VAL B 115 16.04 -2.00 1.62
CA VAL B 115 14.72 -2.49 1.29
C VAL B 115 14.47 -3.90 1.83
N VAL B 116 13.54 -4.00 2.78
CA VAL B 116 13.20 -5.27 3.41
C VAL B 116 11.69 -5.52 3.41
N ASP B 117 10.98 -4.71 2.65
CA ASP B 117 9.53 -4.81 2.53
C ASP B 117 9.14 -4.08 1.25
N PRO B 118 8.15 -4.62 0.50
CA PRO B 118 7.70 -4.01 -0.75
C PRO B 118 7.21 -2.57 -0.59
N PHE B 119 6.72 -2.22 0.61
CA PHE B 119 6.23 -0.87 0.82
C PHE B 119 7.34 0.15 0.60
N MET B 120 8.57 -0.22 0.97
CA MET B 120 9.68 0.70 0.78
C MET B 120 9.87 1.02 -0.70
N LEU B 121 9.44 0.11 -1.57
CA LEU B 121 9.53 0.34 -3.01
C LEU B 121 8.42 1.30 -3.45
N GLU B 122 7.20 1.07 -2.93
CA GLU B 122 6.08 1.94 -3.24
C GLU B 122 6.43 3.37 -2.82
N GLU B 123 7.03 3.46 -1.64
CA GLU B 123 7.43 4.72 -1.04
C GLU B 123 8.47 5.42 -1.92
N ALA B 124 9.47 4.68 -2.37
CA ALA B 124 10.50 5.24 -3.21
C ALA B 124 9.88 5.86 -4.46
N ARG B 125 9.00 5.12 -5.13
CA ARG B 125 8.34 5.61 -6.34
C ARG B 125 7.43 6.81 -6.06
N ALA B 126 6.64 6.73 -5.01
CA ALA B 126 5.72 7.80 -4.67
C ALA B 126 6.42 9.12 -4.38
N PHE B 127 7.64 9.05 -3.86
CA PHE B 127 8.38 10.26 -3.56
C PHE B 127 9.34 10.74 -4.66
N GLY B 128 9.20 10.19 -5.86
CA GLY B 128 10.02 10.64 -6.97
C GLY B 128 11.30 9.94 -7.36
N ALA B 129 11.55 8.76 -6.81
CA ALA B 129 12.77 8.05 -7.19
C ALA B 129 12.51 7.29 -8.49
N SER B 130 13.53 7.20 -9.34
CA SER B 130 13.43 6.46 -10.59
C SER B 130 13.94 5.04 -10.33
N ALA B 131 14.72 4.90 -9.25
CA ALA B 131 15.29 3.62 -8.90
C ALA B 131 15.43 3.47 -7.39
N ALA B 132 15.51 2.22 -6.96
CA ALA B 132 15.68 1.88 -5.55
C ALA B 132 16.77 0.82 -5.46
N LEU B 133 17.53 0.84 -4.37
CA LEU B 133 18.60 -0.12 -4.16
C LEU B 133 18.05 -1.44 -3.61
N LEU B 134 18.54 -2.55 -4.15
CA LEU B 134 18.17 -3.88 -3.68
C LEU B 134 19.50 -4.54 -3.33
N ILE B 135 19.59 -5.15 -2.16
CA ILE B 135 20.81 -5.79 -1.69
C ILE B 135 20.64 -7.30 -1.61
N VAL B 136 21.36 -8.02 -2.48
CA VAL B 136 21.27 -9.47 -2.51
C VAL B 136 21.62 -10.07 -1.14
N ALA B 137 22.55 -9.45 -0.42
CA ALA B 137 22.93 -9.95 0.90
C ALA B 137 21.73 -9.99 1.85
N LEU B 138 20.71 -9.20 1.55
CA LEU B 138 19.52 -9.16 2.39
C LEU B 138 18.37 -10.00 1.82
N LEU B 139 18.14 -9.84 0.52
CA LEU B 139 17.03 -10.52 -0.15
C LEU B 139 17.27 -11.98 -0.56
N GLY B 140 18.50 -12.32 -0.93
CA GLY B 140 18.77 -13.68 -1.35
C GLY B 140 17.94 -14.04 -2.57
N GLU B 141 17.30 -15.19 -2.57
CA GLU B 141 16.49 -15.61 -3.72
C GLU B 141 15.23 -14.79 -3.92
N LEU B 142 14.95 -13.87 -2.99
CA LEU B 142 13.78 -13.01 -3.13
C LEU B 142 14.12 -11.81 -4.00
N THR B 143 15.37 -11.72 -4.43
CA THR B 143 15.79 -10.62 -5.27
C THR B 143 14.92 -10.46 -6.50
N GLY B 144 14.59 -11.58 -7.16
CA GLY B 144 13.76 -11.52 -8.35
C GLY B 144 12.38 -10.97 -8.08
N ALA B 145 11.78 -11.42 -6.98
CA ALA B 145 10.44 -10.96 -6.61
C ALA B 145 10.44 -9.45 -6.38
N TYR B 146 11.45 -8.93 -5.70
CA TYR B 146 11.52 -7.50 -5.44
C TYR B 146 11.82 -6.70 -6.70
N LEU B 147 12.64 -7.27 -7.58
CA LEU B 147 12.97 -6.63 -8.84
C LEU B 147 11.69 -6.47 -9.67
N GLU B 148 10.84 -7.49 -9.67
CA GLU B 148 9.60 -7.45 -10.43
C GLU B 148 8.56 -6.54 -9.80
N GLU B 149 8.55 -6.45 -8.48
CA GLU B 149 7.61 -5.56 -7.80
C GLU B 149 8.01 -4.13 -8.17
N ALA B 150 9.32 -3.88 -8.19
CA ALA B 150 9.81 -2.56 -8.55
C ALA B 150 9.34 -2.22 -9.97
N ARG B 151 9.55 -3.15 -10.89
CA ARG B 151 9.15 -2.95 -12.28
C ARG B 151 7.67 -2.59 -12.36
N ARG B 152 6.83 -3.34 -11.67
CA ARG B 152 5.39 -3.09 -11.67
C ARG B 152 5.03 -1.68 -11.20
N LEU B 153 5.84 -1.14 -10.30
CA LEU B 153 5.63 0.21 -9.77
C LEU B 153 6.22 1.29 -10.67
N GLY B 154 6.93 0.86 -11.72
CA GLY B 154 7.55 1.81 -12.64
C GLY B 154 8.84 2.28 -12.01
N LEU B 155 9.47 1.37 -11.28
CA LEU B 155 10.71 1.65 -10.57
C LEU B 155 11.83 0.74 -11.06
N GLU B 156 13.00 1.30 -11.31
CA GLU B 156 14.14 0.52 -11.75
C GLU B 156 14.87 0.06 -10.49
N ALA B 157 15.65 -1.02 -10.57
CA ALA B 157 16.34 -1.53 -9.40
C ALA B 157 17.84 -1.72 -9.55
N LEU B 158 18.60 -1.08 -8.67
CA LEU B 158 20.04 -1.22 -8.68
C LEU B 158 20.30 -2.43 -7.78
N VAL B 159 20.58 -3.57 -8.39
CA VAL B 159 20.83 -4.80 -7.65
C VAL B 159 22.29 -4.87 -7.25
N GLU B 160 22.55 -4.69 -5.96
CA GLU B 160 23.89 -4.68 -5.41
C GLU B 160 24.44 -6.03 -4.95
N VAL B 161 25.64 -6.36 -5.41
CA VAL B 161 26.27 -7.61 -5.05
C VAL B 161 27.72 -7.34 -4.66
N HIS B 162 28.29 -8.21 -3.82
CA HIS B 162 29.67 -8.04 -3.38
C HIS B 162 30.51 -9.29 -3.56
N THR B 163 29.87 -10.40 -3.91
CA THR B 163 30.59 -11.65 -4.11
C THR B 163 30.11 -12.38 -5.36
N GLU B 164 30.87 -13.38 -5.79
CA GLU B 164 30.52 -14.16 -6.97
C GLU B 164 29.19 -14.87 -6.78
N ARG B 165 28.96 -15.38 -5.57
CA ARG B 165 27.73 -16.08 -5.28
C ARG B 165 26.53 -15.14 -5.33
N GLU B 166 26.71 -13.91 -4.83
CA GLU B 166 25.62 -12.94 -4.87
C GLU B 166 25.41 -12.51 -6.33
N LEU B 167 26.50 -12.42 -7.08
CA LEU B 167 26.40 -12.04 -8.50
C LEU B 167 25.52 -13.02 -9.26
N GLU B 168 25.79 -14.31 -9.09
CA GLU B 168 25.01 -15.33 -9.78
C GLU B 168 23.54 -15.22 -9.40
N ILE B 169 23.26 -14.98 -8.12
CA ILE B 169 21.88 -14.82 -7.68
C ILE B 169 21.24 -13.65 -8.42
N ALA B 170 21.96 -12.54 -8.49
CA ALA B 170 21.46 -11.35 -9.17
C ALA B 170 21.18 -11.62 -10.65
N LEU B 171 22.12 -12.29 -11.32
CA LEU B 171 21.96 -12.61 -12.73
C LEU B 171 20.77 -13.55 -12.96
N GLU B 172 20.67 -14.59 -12.15
CA GLU B 172 19.59 -15.56 -12.31
C GLU B 172 18.24 -14.94 -11.93
N ALA B 173 18.28 -13.82 -11.20
CA ALA B 173 17.05 -13.13 -10.80
C ALA B 173 16.57 -12.21 -11.92
N GLY B 174 17.41 -12.03 -12.92
CA GLY B 174 17.04 -11.17 -14.05
C GLY B 174 17.44 -9.71 -13.88
N ALA B 175 18.41 -9.44 -13.03
CA ALA B 175 18.84 -8.07 -12.80
C ALA B 175 19.18 -7.38 -14.12
N GLU B 176 18.78 -6.11 -14.24
CA GLU B 176 19.05 -5.32 -15.45
C GLU B 176 20.06 -4.21 -15.16
N VAL B 177 20.07 -3.75 -13.92
CA VAL B 177 21.01 -2.72 -13.48
C VAL B 177 21.75 -3.39 -12.32
N LEU B 178 23.04 -3.62 -12.51
CA LEU B 178 23.85 -4.32 -11.53
C LEU B 178 24.91 -3.46 -10.85
N GLY B 179 24.93 -3.49 -9.53
CA GLY B 179 25.92 -2.73 -8.79
C GLY B 179 26.90 -3.63 -8.07
N ILE B 180 28.18 -3.49 -8.40
CA ILE B 180 29.23 -4.29 -7.78
C ILE B 180 29.82 -3.44 -6.65
N ASN B 181 29.60 -3.86 -5.41
CA ASN B 181 30.10 -3.14 -4.24
C ASN B 181 31.48 -3.63 -3.81
N ASN B 182 32.44 -2.72 -3.74
CA ASN B 182 33.80 -3.05 -3.33
C ASN B 182 33.97 -3.26 -1.84
N ARG B 183 32.98 -2.86 -1.05
CA ARG B 183 33.10 -3.00 0.39
C ARG B 183 32.68 -4.38 0.91
N ASP B 184 33.50 -4.94 1.80
CA ASP B 184 33.26 -6.26 2.37
C ASP B 184 32.14 -6.24 3.41
N LEU B 185 31.46 -7.38 3.55
CA LEU B 185 30.36 -7.52 4.50
C LEU B 185 30.82 -8.05 5.85
N ALA B 186 31.42 -7.17 6.64
CA ALA B 186 31.92 -7.52 7.98
C ALA B 186 33.07 -6.60 8.34
N THR B 187 34.17 -6.74 7.61
CA THR B 187 35.36 -5.93 7.85
C THR B 187 35.11 -4.47 7.47
N LEU B 188 34.12 -4.25 6.61
CA LEU B 188 33.80 -2.90 6.17
C LEU B 188 35.00 -2.35 5.41
N HIS B 189 35.91 -3.24 5.03
CA HIS B 189 37.11 -2.87 4.30
C HIS B 189 36.85 -2.91 2.79
N ILE B 190 37.55 -2.06 2.06
CA ILE B 190 37.37 -1.98 0.62
C ILE B 190 38.53 -2.49 -0.23
N ASN B 191 38.18 -3.16 -1.31
CA ASN B 191 39.17 -3.65 -2.26
C ASN B 191 38.60 -3.26 -3.62
N LEU B 192 39.14 -2.19 -4.18
CA LEU B 192 38.66 -1.68 -5.46
C LEU B 192 38.73 -2.69 -6.60
N GLU B 193 39.47 -3.78 -6.41
CA GLU B 193 39.59 -4.81 -7.43
C GLU B 193 38.31 -5.60 -7.60
N THR B 194 37.45 -5.58 -6.58
CA THR B 194 36.19 -6.31 -6.63
C THR B 194 35.34 -5.94 -7.85
N ALA B 195 35.23 -4.65 -8.12
CA ALA B 195 34.42 -4.17 -9.25
C ALA B 195 34.88 -4.75 -10.59
N PRO B 196 36.16 -4.56 -10.94
CA PRO B 196 36.64 -5.10 -12.23
C PRO B 196 36.50 -6.62 -12.31
N ARG B 197 36.81 -7.30 -11.21
CA ARG B 197 36.73 -8.76 -11.18
C ARG B 197 35.32 -9.31 -11.41
N LEU B 198 34.37 -8.88 -10.59
CA LEU B 198 33.00 -9.36 -10.74
C LEU B 198 32.32 -8.74 -11.95
N GLY B 199 32.76 -7.55 -12.36
CA GLY B 199 32.18 -6.91 -13.51
C GLY B 199 32.55 -7.68 -14.78
N ARG B 200 33.80 -8.13 -14.85
CA ARG B 200 34.25 -8.89 -16.00
C ARG B 200 33.56 -10.25 -16.00
N LEU B 201 33.35 -10.80 -14.82
CA LEU B 201 32.67 -12.09 -14.69
C LEU B 201 31.22 -11.94 -15.16
N ALA B 202 30.60 -10.82 -14.79
CA ALA B 202 29.22 -10.55 -15.18
C ALA B 202 29.07 -10.53 -16.70
N ARG B 203 29.94 -9.77 -17.37
CA ARG B 203 29.91 -9.67 -18.83
C ARG B 203 30.16 -11.03 -19.45
N LYS B 204 31.14 -11.76 -18.91
CA LYS B 204 31.49 -13.07 -19.43
C LYS B 204 30.31 -14.04 -19.32
N ARG B 205 29.47 -13.85 -18.31
CA ARG B 205 28.31 -14.70 -18.10
C ARG B 205 27.07 -14.22 -18.84
N GLY B 206 27.24 -13.24 -19.72
CA GLY B 206 26.13 -12.75 -20.51
C GLY B 206 25.34 -11.53 -20.05
N PHE B 207 25.83 -10.84 -19.02
CA PHE B 207 25.11 -9.66 -18.54
C PHE B 207 25.31 -8.54 -19.55
N GLY B 208 24.20 -8.06 -20.11
CA GLY B 208 24.26 -6.98 -21.08
C GLY B 208 23.60 -5.72 -20.57
N GLY B 209 23.24 -5.69 -19.28
CA GLY B 209 22.61 -4.53 -18.72
C GLY B 209 23.58 -3.46 -18.28
N VAL B 210 23.13 -2.57 -17.41
CA VAL B 210 23.96 -1.48 -16.89
C VAL B 210 24.81 -1.93 -15.70
N LEU B 211 26.12 -1.80 -15.82
CA LEU B 211 27.04 -2.17 -14.75
C LEU B 211 27.41 -0.91 -13.98
N VAL B 212 27.31 -0.99 -12.65
CA VAL B 212 27.62 0.15 -11.78
C VAL B 212 28.64 -0.26 -10.71
N ALA B 213 29.72 0.50 -10.60
CA ALA B 213 30.75 0.22 -9.60
C ALA B 213 30.43 1.05 -8.38
N GLU B 214 30.59 0.47 -7.19
CA GLU B 214 30.27 1.18 -5.95
C GLU B 214 31.31 1.09 -4.85
N SER B 215 31.44 2.18 -4.11
CA SER B 215 32.30 2.27 -2.92
C SER B 215 33.81 2.42 -3.02
N GLY B 216 34.32 3.42 -2.33
CA GLY B 216 35.75 3.67 -2.26
C GLY B 216 36.44 4.52 -3.30
N TYR B 217 35.69 5.06 -4.25
CA TYR B 217 36.30 5.87 -5.30
C TYR B 217 36.52 7.31 -4.88
N SER B 218 37.69 7.84 -5.21
CA SER B 218 38.02 9.21 -4.84
C SER B 218 38.96 9.89 -5.84
N ARG B 219 39.47 9.14 -6.81
CA ARG B 219 40.39 9.73 -7.77
C ARG B 219 40.04 9.44 -9.23
N LYS B 220 40.34 10.41 -10.10
CA LYS B 220 40.07 10.29 -11.52
C LYS B 220 40.79 9.07 -12.11
N GLU B 221 41.96 8.75 -11.57
CA GLU B 221 42.75 7.62 -12.03
C GLU B 221 42.03 6.30 -11.80
N GLU B 222 41.32 6.19 -10.67
CA GLU B 222 40.60 4.97 -10.36
C GLU B 222 39.43 4.81 -11.35
N LEU B 223 38.82 5.93 -11.73
CA LEU B 223 37.71 5.90 -12.67
C LEU B 223 38.15 5.51 -14.08
N LYS B 224 39.36 5.88 -14.45
CA LYS B 224 39.88 5.53 -15.77
C LYS B 224 39.95 4.02 -15.91
N ALA B 225 40.17 3.35 -14.78
CA ALA B 225 40.28 1.89 -14.75
C ALA B 225 38.93 1.21 -14.92
N LEU B 226 37.86 2.00 -14.84
CA LEU B 226 36.51 1.46 -14.98
C LEU B 226 35.98 1.64 -16.41
N GLU B 227 36.53 2.61 -17.12
CA GLU B 227 36.10 2.90 -18.49
C GLU B 227 36.21 1.71 -19.42
N GLY B 228 35.20 1.52 -20.26
CA GLY B 228 35.21 0.42 -21.19
C GLY B 228 34.52 -0.83 -20.65
N LEU B 229 34.45 -0.92 -19.33
CA LEU B 229 33.81 -2.06 -18.68
C LEU B 229 32.50 -1.64 -18.01
N PHE B 230 32.57 -0.63 -17.15
CA PHE B 230 31.38 -0.15 -16.46
C PHE B 230 30.67 0.97 -17.20
N ASP B 231 29.37 1.10 -16.92
CA ASP B 231 28.57 2.15 -17.54
C ASP B 231 28.48 3.32 -16.58
N ALA B 232 28.62 3.05 -15.29
CA ALA B 232 28.52 4.09 -14.29
C ALA B 232 29.27 3.73 -13.01
N VAL B 233 29.44 4.73 -12.15
CA VAL B 233 30.10 4.54 -10.86
C VAL B 233 29.35 5.36 -9.82
N LEU B 234 29.16 4.81 -8.64
CA LEU B 234 28.45 5.49 -7.55
C LEU B 234 29.48 6.07 -6.60
N ILE B 235 29.44 7.39 -6.39
CA ILE B 235 30.39 8.05 -5.52
C ILE B 235 29.74 8.96 -4.50
N GLY B 236 30.05 8.72 -3.23
CA GLY B 236 29.49 9.55 -2.18
C GLY B 236 30.50 10.27 -1.31
N THR B 237 31.18 9.53 -0.44
CA THR B 237 32.14 10.10 0.49
C THR B 237 33.17 11.09 -0.06
N SER B 238 33.93 10.71 -1.08
CA SER B 238 34.96 11.58 -1.62
C SER B 238 34.42 12.93 -2.11
N LEU B 239 33.19 12.95 -2.59
CA LEU B 239 32.60 14.20 -3.07
C LEU B 239 32.03 15.00 -1.91
N MET B 240 31.33 14.31 -1.00
CA MET B 240 30.73 14.95 0.17
C MET B 240 31.76 15.65 1.04
N ARG B 241 32.97 15.10 1.08
CA ARG B 241 34.03 15.69 1.91
C ARG B 241 34.84 16.81 1.27
N ALA B 242 34.65 17.01 -0.03
CA ALA B 242 35.38 18.06 -0.73
C ALA B 242 34.82 19.43 -0.35
N PRO B 243 35.70 20.44 -0.27
CA PRO B 243 35.30 21.81 0.09
C PRO B 243 34.11 22.30 -0.72
N ASP B 244 34.09 21.93 -2.00
CA ASP B 244 33.01 22.33 -2.90
C ASP B 244 32.64 21.11 -3.74
N LEU B 245 31.42 20.60 -3.55
CA LEU B 245 30.95 19.41 -4.25
C LEU B 245 30.89 19.53 -5.77
N GLU B 246 30.50 20.68 -6.27
CA GLU B 246 30.41 20.89 -7.71
C GLU B 246 31.78 20.78 -8.36
N ALA B 247 32.77 21.48 -7.81
CA ALA B 247 34.12 21.46 -8.34
C ALA B 247 34.77 20.08 -8.24
N ALA B 248 34.48 19.37 -7.15
CA ALA B 248 35.04 18.04 -6.95
C ALA B 248 34.51 17.10 -8.04
N LEU B 249 33.22 17.14 -8.30
CA LEU B 249 32.63 16.27 -9.30
C LEU B 249 33.07 16.64 -10.72
N ARG B 250 33.19 17.94 -10.99
CA ARG B 250 33.61 18.38 -12.32
C ARG B 250 34.96 17.76 -12.64
N GLU B 251 35.82 17.66 -11.62
CA GLU B 251 37.14 17.08 -11.77
C GLU B 251 37.06 15.66 -12.33
N LEU B 252 36.10 14.89 -11.83
CA LEU B 252 35.93 13.51 -12.24
C LEU B 252 35.26 13.32 -13.61
N VAL B 253 34.13 14.00 -13.81
CA VAL B 253 33.39 13.89 -15.06
C VAL B 253 34.04 14.62 -16.22
N GLY B 254 35.03 15.46 -15.94
CA GLY B 254 35.70 16.20 -16.99
C GLY B 254 37.14 15.77 -17.20
#